data_3SPV
#
_entry.id   3SPV
#
_cell.length_a   50.560
_cell.length_b   81.460
_cell.length_c   110.020
_cell.angle_alpha   90.000
_cell.angle_beta   90.000
_cell.angle_gamma   90.000
#
_symmetry.space_group_name_H-M   'P 21 21 21'
#
loop_
_entity.id
_entity.type
_entity.pdbx_description
1 polymer 'HLA class I histocompatibility antigen, B-8 alpha chain'
2 polymer Beta-2-microglobulin
3 polymer 'peptide from Trans-activator protein BZLF1'
4 non-polymer 'ACETATE ION'
5 non-polymer 'SODIUM ION'
6 water water
#
loop_
_entity_poly.entity_id
_entity_poly.type
_entity_poly.pdbx_seq_one_letter_code
_entity_poly.pdbx_strand_id
1 'polypeptide(L)'
;GSHSMRYFDTAMSRPGRGEPRFISVGYVDDTQFVRFDSDAASPREEPRAPWIEQEGPEYWDRNTQIFKTNTQTDRESLRN
LRGYYNQSEAGSHTLQSMYGCDVGPDGRLLRGHNQYAYDGKDYIALNEDLRSWTAADTAAQITQRKWEAARVAEQDRAYL
EGTCVEWLRRYLENGKDTLERADPPKTHVTHHPISDHEATLRCWALGFYPAEITLTWQRDGEDQTQDTELVETRPAGDRT
FQKWAAVVVPSGEEQRYTCHVQHEGLPKPLTLRWEP
;
A
2 'polypeptide(L)'
;IQRTPKIQVYSRHPAENGKSNFLNCYVSGFHPSDIEVDLLKNGERIEKVEHSDLSFSKDWSFYLLYYTEFTPTEKDEYAC
RVNHVTLSQPKIVKWDRDM
;
B
3 'polypeptide(L)' RAKFKQLL C
#
# COMPACT_ATOMS: atom_id res chain seq x y z
N GLY A 1 6.25 -3.74 -18.48
CA GLY A 1 5.26 -4.54 -19.18
C GLY A 1 4.78 -5.72 -18.35
N SER A 2 5.37 -5.88 -17.17
CA SER A 2 4.99 -6.99 -16.29
C SER A 2 3.89 -6.56 -15.34
N HIS A 3 3.18 -7.54 -14.79
CA HIS A 3 2.02 -7.24 -13.97
C HIS A 3 1.84 -8.23 -12.84
N SER A 4 1.05 -7.83 -11.84
N SER A 4 1.07 -7.81 -11.84
CA SER A 4 0.80 -8.67 -10.67
CA SER A 4 0.73 -8.67 -10.72
C SER A 4 -0.65 -8.54 -10.22
C SER A 4 -0.75 -8.60 -10.43
N MET A 5 -1.24 -9.64 -9.78
CA MET A 5 -2.55 -9.61 -9.13
C MET A 5 -2.27 -10.03 -7.71
N ARG A 6 -2.79 -9.27 -6.75
CA ARG A 6 -2.52 -9.61 -5.35
C ARG A 6 -3.72 -9.24 -4.50
N TYR A 7 -4.08 -10.15 -3.60
CA TYR A 7 -5.10 -9.89 -2.58
C TYR A 7 -4.40 -9.68 -1.25
N PHE A 8 -4.82 -8.65 -0.54
CA PHE A 8 -4.30 -8.33 0.77
C PHE A 8 -5.45 -8.45 1.76
N ASP A 9 -5.38 -9.46 2.62
CA ASP A 9 -6.47 -9.74 3.57
C ASP A 9 -6.02 -9.45 4.98
N THR A 10 -6.90 -8.82 5.75
CA THR A 10 -6.70 -8.56 7.17
C THR A 10 -7.88 -9.11 7.96
N ALA A 11 -7.61 -9.99 8.92
CA ALA A 11 -8.64 -10.47 9.85
C ALA A 11 -8.19 -10.06 11.23
N MET A 12 -9.04 -9.35 11.97
CA MET A 12 -8.63 -8.81 13.24
C MET A 12 -9.68 -9.08 14.30
N SER A 13 -9.31 -9.79 15.36
CA SER A 13 -10.25 -10.03 16.44
C SER A 13 -10.40 -8.77 17.28
N ARG A 14 -11.52 -8.71 18.00
CA ARG A 14 -11.88 -7.53 18.79
C ARG A 14 -12.82 -8.01 19.89
N PRO A 15 -12.26 -8.72 20.87
CA PRO A 15 -13.08 -9.32 21.93
C PRO A 15 -14.00 -8.30 22.59
N GLY A 16 -15.29 -8.62 22.66
CA GLY A 16 -16.27 -7.74 23.29
C GLY A 16 -16.92 -6.78 22.29
N ARG A 17 -16.44 -6.81 21.04
CA ARG A 17 -16.96 -5.93 20.00
C ARG A 17 -17.33 -6.70 18.75
N GLY A 18 -17.87 -7.91 18.95
CA GLY A 18 -18.35 -8.72 17.86
C GLY A 18 -17.30 -9.67 17.32
N GLU A 19 -17.60 -10.26 16.17
CA GLU A 19 -16.71 -11.23 15.57
C GLU A 19 -15.58 -10.50 14.84
N PRO A 20 -14.48 -11.21 14.55
CA PRO A 20 -13.34 -10.52 13.93
C PRO A 20 -13.71 -9.90 12.60
N ARG A 21 -13.26 -8.66 12.39
CA ARG A 21 -13.44 -8.04 11.09
C ARG A 21 -12.57 -8.71 10.04
N PHE A 22 -13.16 -9.02 8.88
CA PHE A 22 -12.39 -9.53 7.76
C PHE A 22 -12.51 -8.53 6.61
N ILE A 23 -11.37 -8.10 6.06
CA ILE A 23 -11.39 -7.30 4.85
C ILE A 23 -10.38 -7.86 3.86
N SER A 24 -10.80 -8.02 2.62
CA SER A 24 -9.96 -8.48 1.52
C SER A 24 -10.00 -7.42 0.44
N VAL A 25 -8.82 -7.01 -0.01
N VAL A 25 -8.83 -6.94 0.00
CA VAL A 25 -8.68 -6.02 -1.07
CA VAL A 25 -8.77 -6.01 -1.11
C VAL A 25 -7.88 -6.66 -2.20
C VAL A 25 -7.88 -6.58 -2.20
N GLY A 26 -8.41 -6.59 -3.42
CA GLY A 26 -7.71 -7.14 -4.56
C GLY A 26 -7.17 -6.05 -5.47
N TYR A 27 -5.94 -6.25 -5.95
N TYR A 27 -5.93 -6.25 -5.94
CA TYR A 27 -5.23 -5.29 -6.79
CA TYR A 27 -5.27 -5.32 -6.83
C TYR A 27 -4.67 -5.90 -8.05
C TYR A 27 -4.82 -5.98 -8.12
N VAL A 28 -4.74 -5.16 -9.15
CA VAL A 28 -3.90 -5.46 -10.32
C VAL A 28 -2.86 -4.35 -10.27
N ASP A 29 -1.60 -4.72 -10.10
CA ASP A 29 -0.55 -3.74 -9.84
C ASP A 29 -0.99 -2.79 -8.73
N ASP A 30 -1.03 -1.48 -8.99
CA ASP A 30 -1.40 -0.50 -7.97
C ASP A 30 -2.85 0.00 -8.09
N THR A 31 -3.68 -0.79 -8.77
CA THR A 31 -5.10 -0.48 -8.94
C THR A 31 -5.97 -1.45 -8.15
N GLN A 32 -6.63 -0.95 -7.11
CA GLN A 32 -7.59 -1.77 -6.39
C GLN A 32 -8.81 -2.02 -7.27
N PHE A 33 -9.25 -3.26 -7.37
CA PHE A 33 -10.42 -3.56 -8.21
C PHE A 33 -11.58 -4.18 -7.44
N VAL A 34 -11.32 -4.65 -6.23
CA VAL A 34 -12.38 -5.26 -5.43
C VAL A 34 -12.09 -5.06 -3.95
N ARG A 35 -13.16 -4.95 -3.16
CA ARG A 35 -13.04 -4.96 -1.72
C ARG A 35 -14.19 -5.77 -1.15
N PHE A 36 -13.91 -6.57 -0.15
CA PHE A 36 -14.95 -7.16 0.66
C PHE A 36 -14.63 -6.92 2.12
N ASP A 37 -15.54 -6.27 2.83
CA ASP A 37 -15.36 -5.92 4.23
C ASP A 37 -16.54 -6.48 5.00
N SER A 38 -16.30 -7.36 5.97
CA SER A 38 -17.42 -7.95 6.70
C SER A 38 -18.21 -6.88 7.49
N ASP A 39 -17.61 -5.71 7.71
CA ASP A 39 -18.29 -4.63 8.40
C ASP A 39 -19.05 -3.70 7.46
N ALA A 40 -18.96 -3.92 6.15
CA ALA A 40 -19.68 -3.07 5.20
C ALA A 40 -21.18 -3.20 5.39
N ALA A 41 -21.87 -2.06 5.38
CA ALA A 41 -23.30 -2.04 5.67
C ALA A 41 -24.17 -2.65 4.57
N SER A 42 -23.76 -2.46 3.32
CA SER A 42 -24.58 -2.94 2.20
C SER A 42 -23.73 -3.41 1.01
N PRO A 43 -23.50 -4.73 0.92
CA PRO A 43 -22.79 -5.36 -0.19
C PRO A 43 -23.74 -6.06 -1.16
N ARG A 44 -23.91 -5.52 -2.37
CA ARG A 44 -23.23 -4.30 -2.80
C ARG A 44 -24.01 -3.09 -2.30
N GLU A 45 -23.53 -1.87 -2.55
CA GLU A 45 -22.39 -1.64 -3.45
C GLU A 45 -21.05 -1.41 -2.76
N GLU A 46 -20.34 -2.51 -2.49
CA GLU A 46 -18.92 -2.39 -2.18
C GLU A 46 -18.21 -2.14 -3.50
N PRO A 47 -17.14 -1.35 -3.48
CA PRO A 47 -16.51 -0.92 -4.72
C PRO A 47 -15.96 -2.06 -5.55
N ARG A 48 -16.10 -1.88 -6.87
CA ARG A 48 -15.52 -2.78 -7.85
C ARG A 48 -15.02 -1.89 -8.99
N ALA A 49 -13.90 -2.25 -9.60
CA ALA A 49 -13.42 -1.52 -10.78
C ALA A 49 -14.42 -1.57 -11.93
N PRO A 50 -14.37 -0.56 -12.82
CA PRO A 50 -15.19 -0.55 -14.03
C PRO A 50 -15.07 -1.82 -14.85
N TRP A 51 -13.85 -2.18 -15.26
CA TRP A 51 -13.63 -3.34 -16.12
C TRP A 51 -14.01 -4.66 -15.44
N ILE A 52 -14.48 -4.58 -14.21
CA ILE A 52 -15.02 -5.73 -13.49
C ILE A 52 -16.53 -5.82 -13.74
N GLU A 53 -17.14 -4.67 -13.99
CA GLU A 53 -18.59 -4.60 -14.23
C GLU A 53 -19.02 -5.52 -15.37
N GLN A 54 -18.23 -5.56 -16.44
CA GLN A 54 -18.58 -6.33 -17.62
C GLN A 54 -18.57 -7.84 -17.39
N GLU A 55 -18.01 -8.29 -16.27
CA GLU A 55 -17.92 -9.72 -16.00
C GLU A 55 -19.25 -10.33 -15.63
N GLY A 56 -20.19 -9.49 -15.18
CA GLY A 56 -21.54 -9.95 -14.92
C GLY A 56 -21.80 -10.42 -13.50
N PRO A 57 -23.08 -10.65 -13.17
CA PRO A 57 -23.51 -10.99 -11.81
C PRO A 57 -23.05 -12.37 -11.33
N GLU A 58 -22.91 -13.34 -12.22
CA GLU A 58 -22.44 -14.65 -11.81
C GLU A 58 -21.02 -14.54 -11.26
N TYR A 59 -20.20 -13.73 -11.91
CA TYR A 59 -18.84 -13.45 -11.44
C TYR A 59 -18.87 -12.78 -10.06
N TRP A 60 -19.74 -11.79 -9.88
CA TRP A 60 -19.88 -11.16 -8.58
C TRP A 60 -20.31 -12.16 -7.50
N ASP A 61 -21.32 -12.97 -7.81
CA ASP A 61 -21.82 -13.98 -6.88
C ASP A 61 -20.71 -14.93 -6.44
N ARG A 62 -19.91 -15.39 -7.39
CA ARG A 62 -18.86 -16.36 -7.12
C ARG A 62 -17.82 -15.77 -6.18
N ASN A 63 -17.40 -14.55 -6.48
CA ASN A 63 -16.41 -13.90 -5.63
C ASN A 63 -16.95 -13.61 -4.25
N THR A 64 -18.20 -13.16 -4.18
CA THR A 64 -18.83 -12.91 -2.88
C THR A 64 -18.87 -14.18 -2.04
N GLN A 65 -19.19 -15.30 -2.67
CA GLN A 65 -19.22 -16.58 -1.99
C GLN A 65 -17.85 -16.92 -1.41
N ILE A 66 -16.81 -16.69 -2.21
CA ILE A 66 -15.46 -16.97 -1.74
C ILE A 66 -15.09 -16.07 -0.55
N PHE A 67 -15.42 -14.79 -0.64
CA PHE A 67 -15.10 -13.86 0.44
C PHE A 67 -15.83 -14.24 1.71
N LYS A 68 -17.09 -14.64 1.58
CA LYS A 68 -17.87 -15.01 2.76
C LYS A 68 -17.28 -16.26 3.39
N THR A 69 -16.90 -17.24 2.58
CA THR A 69 -16.26 -18.41 3.12
C THR A 69 -14.91 -18.06 3.76
N ASN A 70 -14.15 -17.19 3.11
CA ASN A 70 -12.87 -16.76 3.67
C ASN A 70 -13.03 -16.07 5.01
N THR A 71 -14.11 -15.30 5.17
CA THR A 71 -14.39 -14.64 6.45
C THR A 71 -14.47 -15.67 7.58
N GLN A 72 -15.24 -16.72 7.35
CA GLN A 72 -15.38 -17.75 8.37
C GLN A 72 -14.09 -18.51 8.61
N THR A 73 -13.38 -18.81 7.53
CA THR A 73 -12.13 -19.54 7.65
C THR A 73 -11.13 -18.76 8.47
N ASP A 74 -11.00 -17.46 8.18
CA ASP A 74 -10.04 -16.64 8.91
C ASP A 74 -10.45 -16.49 10.38
N ARG A 75 -11.76 -16.41 10.66
CA ARG A 75 -12.19 -16.33 12.05
C ARG A 75 -11.79 -17.60 12.80
N GLU A 76 -11.96 -18.75 12.15
CA GLU A 76 -11.58 -20.00 12.80
C GLU A 76 -10.06 -20.08 12.94
N SER A 77 -9.34 -19.60 11.93
CA SER A 77 -7.88 -19.54 12.00
C SER A 77 -7.39 -18.71 13.18
N LEU A 78 -8.02 -17.55 13.40
CA LEU A 78 -7.69 -16.71 14.55
C LEU A 78 -7.90 -17.47 15.87
N ARG A 79 -8.96 -18.26 15.97
CA ARG A 79 -9.19 -19.04 17.18
C ARG A 79 -8.07 -20.07 17.34
N ASN A 80 -7.72 -20.73 16.25
CA ASN A 80 -6.62 -21.69 16.31
C ASN A 80 -5.31 -21.05 16.72
N LEU A 81 -4.99 -19.92 16.10
N LEU A 81 -4.98 -19.91 16.12
CA LEU A 81 -3.76 -19.20 16.39
CA LEU A 81 -3.72 -19.22 16.41
C LEU A 81 -3.65 -18.83 17.87
C LEU A 81 -3.63 -18.75 17.86
N ARG A 82 -4.75 -18.33 18.43
CA ARG A 82 -4.75 -17.95 19.83
C ARG A 82 -4.27 -19.13 20.66
N GLY A 83 -4.80 -20.31 20.37
CA GLY A 83 -4.39 -21.52 21.06
C GLY A 83 -2.94 -21.90 20.81
N TYR A 84 -2.49 -21.77 19.55
CA TYR A 84 -1.12 -22.13 19.23
C TYR A 84 -0.10 -21.30 20.02
N TYR A 85 -0.50 -20.11 20.44
CA TYR A 85 0.44 -19.23 21.14
C TYR A 85 0.06 -19.07 22.62
N ASN A 86 -0.86 -19.91 23.09
CA ASN A 86 -1.30 -19.90 24.49
C ASN A 86 -1.82 -18.54 24.91
N GLN A 87 -2.47 -17.84 23.99
CA GLN A 87 -2.91 -16.48 24.26
C GLN A 87 -4.27 -16.39 24.92
N SER A 88 -4.47 -15.34 25.70
N SER A 88 -4.46 -15.33 25.69
CA SER A 88 -5.74 -15.16 26.38
CA SER A 88 -5.72 -15.06 26.36
C SER A 88 -6.82 -14.69 25.42
C SER A 88 -6.83 -14.74 25.37
N GLU A 89 -8.08 -14.84 25.82
CA GLU A 89 -9.20 -14.44 24.98
C GLU A 89 -9.42 -12.94 25.03
N ALA A 90 -8.61 -12.24 25.81
CA ALA A 90 -8.86 -10.81 26.06
C ALA A 90 -8.28 -9.87 24.99
N GLY A 91 -7.20 -10.28 24.36
CA GLY A 91 -6.53 -9.40 23.43
C GLY A 91 -7.00 -9.46 21.98
N SER A 92 -6.77 -8.36 21.27
N SER A 92 -6.74 -8.39 21.24
CA SER A 92 -6.96 -8.31 19.82
CA SER A 92 -7.03 -8.37 19.81
C SER A 92 -5.74 -8.91 19.12
C SER A 92 -5.80 -8.77 19.01
N HIS A 93 -6.00 -9.68 18.06
CA HIS A 93 -4.92 -10.23 17.24
C HIS A 93 -5.25 -10.10 15.78
N THR A 94 -4.20 -10.16 14.94
CA THR A 94 -4.34 -9.83 13.53
C THR A 94 -3.72 -10.94 12.69
N LEU A 95 -4.49 -11.47 11.74
CA LEU A 95 -3.99 -12.43 10.76
C LEU A 95 -4.05 -11.75 9.41
N GLN A 96 -2.92 -11.66 8.72
CA GLN A 96 -2.87 -11.07 7.39
C GLN A 96 -2.40 -12.09 6.38
N SER A 97 -2.88 -11.94 5.15
N SER A 97 -2.89 -11.94 5.15
CA SER A 97 -2.36 -12.77 4.08
CA SER A 97 -2.48 -12.79 4.05
C SER A 97 -2.20 -12.01 2.78
C SER A 97 -2.17 -11.97 2.81
N MET A 98 -1.30 -12.51 1.95
CA MET A 98 -1.12 -11.99 0.60
C MET A 98 -1.08 -13.19 -0.31
N TYR A 99 -1.87 -13.16 -1.36
CA TYR A 99 -1.77 -14.22 -2.35
C TYR A 99 -1.97 -13.66 -3.75
N GLY A 100 -1.42 -14.35 -4.74
CA GLY A 100 -1.60 -13.96 -6.13
C GLY A 100 -0.41 -14.31 -6.98
N CYS A 101 -0.32 -13.68 -8.14
CA CYS A 101 0.63 -14.11 -9.14
C CYS A 101 1.22 -12.93 -9.85
N ASP A 102 2.44 -13.14 -10.34
CA ASP A 102 3.14 -12.18 -11.18
C ASP A 102 3.28 -12.78 -12.57
N VAL A 103 3.04 -11.97 -13.59
CA VAL A 103 3.24 -12.40 -14.97
C VAL A 103 4.11 -11.41 -15.74
N GLY A 104 4.73 -11.91 -16.81
CA GLY A 104 5.55 -11.09 -17.68
C GLY A 104 4.75 -10.40 -18.77
N PRO A 105 5.43 -9.62 -19.61
CA PRO A 105 4.74 -8.89 -20.70
C PRO A 105 3.97 -9.83 -21.63
N ASP A 106 4.41 -11.08 -21.71
CA ASP A 106 3.75 -12.07 -22.57
C ASP A 106 2.66 -12.83 -21.83
N GLY A 107 2.42 -12.45 -20.58
CA GLY A 107 1.36 -13.05 -19.80
C GLY A 107 1.72 -14.38 -19.15
N ARG A 108 2.97 -14.81 -19.31
CA ARG A 108 3.43 -16.05 -18.68
C ARG A 108 3.70 -15.87 -17.19
N LEU A 109 3.44 -16.91 -16.42
CA LEU A 109 3.69 -16.88 -15.00
C LEU A 109 5.16 -16.66 -14.68
N LEU A 110 5.44 -15.68 -13.85
CA LEU A 110 6.77 -15.47 -13.32
C LEU A 110 6.87 -16.21 -11.98
N ARG A 111 5.94 -15.95 -11.07
CA ARG A 111 5.84 -16.70 -9.82
C ARG A 111 4.51 -16.46 -9.12
N GLY A 112 4.21 -17.35 -8.19
CA GLY A 112 3.04 -17.25 -7.33
C GLY A 112 3.42 -16.96 -5.89
N HIS A 113 2.43 -16.51 -5.12
CA HIS A 113 2.60 -16.10 -3.73
C HIS A 113 1.38 -16.56 -2.94
N ASN A 114 1.64 -17.07 -1.74
CA ASN A 114 0.59 -17.30 -0.75
C ASN A 114 1.22 -17.37 0.62
N GLN A 115 1.10 -16.30 1.39
CA GLN A 115 1.80 -16.22 2.65
C GLN A 115 1.00 -15.44 3.69
N TYR A 116 1.39 -15.62 4.95
N TYR A 116 1.36 -15.66 4.94
CA TYR A 116 0.60 -15.23 6.11
CA TYR A 116 0.63 -15.15 6.08
C TYR A 116 1.47 -14.65 7.21
C TYR A 116 1.54 -14.50 7.10
N ALA A 117 0.93 -13.66 7.91
CA ALA A 117 1.58 -13.09 9.07
C ALA A 117 0.58 -13.04 10.22
N TYR A 118 1.05 -13.27 11.43
CA TYR A 118 0.22 -13.17 12.62
C TYR A 118 0.83 -12.12 13.54
N ASP A 119 0.00 -11.16 13.93
CA ASP A 119 0.44 -10.05 14.77
C ASP A 119 1.70 -9.38 14.24
N GLY A 120 1.73 -9.20 12.92
CA GLY A 120 2.80 -8.45 12.27
C GLY A 120 4.06 -9.24 11.96
N LYS A 121 4.08 -10.52 12.32
N LYS A 121 4.06 -10.52 12.29
CA LYS A 121 5.26 -11.35 12.10
CA LYS A 121 5.25 -11.37 12.13
C LYS A 121 4.97 -12.43 11.07
C LYS A 121 4.99 -12.47 11.10
N ASP A 122 5.91 -12.66 10.16
CA ASP A 122 5.76 -13.75 9.21
C ASP A 122 5.44 -15.05 9.91
N TYR A 123 4.48 -15.79 9.37
CA TYR A 123 3.98 -17.00 10.00
C TYR A 123 4.23 -18.22 9.12
N ILE A 124 3.67 -18.24 7.92
CA ILE A 124 3.96 -19.34 6.98
C ILE A 124 3.89 -18.79 5.57
N ALA A 125 4.68 -19.36 4.67
CA ALA A 125 4.66 -18.98 3.25
C ALA A 125 4.79 -20.20 2.38
N LEU A 126 4.03 -20.21 1.30
CA LEU A 126 4.24 -21.18 0.23
C LEU A 126 5.53 -20.77 -0.46
N ASN A 127 6.45 -21.72 -0.61
CA ASN A 127 7.71 -21.45 -1.30
C ASN A 127 7.49 -21.22 -2.80
N GLU A 128 8.52 -20.68 -3.45
CA GLU A 128 8.41 -20.35 -4.87
C GLU A 128 8.12 -21.60 -5.72
N ASP A 129 8.51 -22.78 -5.23
CA ASP A 129 8.19 -24.01 -5.96
C ASP A 129 6.69 -24.33 -6.02
N LEU A 130 5.89 -23.61 -5.23
CA LEU A 130 4.46 -23.87 -5.10
C LEU A 130 4.17 -25.29 -4.63
N ARG A 131 5.10 -25.89 -3.89
CA ARG A 131 4.94 -27.26 -3.42
C ARG A 131 5.26 -27.44 -1.93
N SER A 132 6.11 -26.59 -1.39
CA SER A 132 6.58 -26.75 -0.02
C SER A 132 6.40 -25.47 0.77
N TRP A 133 6.47 -25.60 2.09
CA TRP A 133 6.16 -24.50 3.00
C TRP A 133 7.36 -24.09 3.81
N THR A 134 7.40 -22.81 4.17
CA THR A 134 8.36 -22.34 5.17
C THR A 134 7.58 -21.79 6.37
N ALA A 135 7.70 -22.45 7.52
CA ALA A 135 7.01 -22.09 8.75
C ALA A 135 7.97 -21.34 9.66
N ALA A 136 7.53 -20.25 10.27
CA ALA A 136 8.43 -19.39 11.03
C ALA A 136 8.74 -19.91 12.42
N ASP A 137 7.87 -20.76 12.96
CA ASP A 137 7.99 -21.17 14.36
C ASP A 137 7.20 -22.45 14.61
N THR A 138 7.20 -22.92 15.86
CA THR A 138 6.57 -24.21 16.15
C THR A 138 5.04 -24.16 16.02
N ALA A 139 4.45 -22.97 16.16
CA ALA A 139 3.03 -22.81 15.89
C ALA A 139 2.76 -23.01 14.41
N ALA A 140 3.52 -22.32 13.56
CA ALA A 140 3.29 -22.42 12.13
C ALA A 140 3.60 -23.83 11.61
N GLN A 141 4.46 -24.55 12.32
CA GLN A 141 4.70 -25.97 12.00
C GLN A 141 3.44 -26.80 12.12
N ILE A 142 2.55 -26.41 13.04
N ILE A 142 2.55 -26.42 13.03
CA ILE A 142 1.27 -27.09 13.15
CA ILE A 142 1.27 -27.11 13.13
C ILE A 142 0.44 -26.88 11.88
C ILE A 142 0.47 -26.88 11.85
N THR A 143 0.35 -25.63 11.45
CA THR A 143 -0.32 -25.31 10.20
C THR A 143 0.33 -26.06 9.03
N GLN A 144 1.66 -26.05 8.98
CA GLN A 144 2.35 -26.75 7.91
C GLN A 144 1.98 -28.22 7.86
N ARG A 145 1.96 -28.87 9.03
N ARG A 145 1.94 -28.88 9.01
CA ARG A 145 1.61 -30.27 9.08
CA ARG A 145 1.63 -30.31 8.97
C ARG A 145 0.20 -30.50 8.57
C ARG A 145 0.17 -30.54 8.59
N LYS A 146 -0.73 -29.64 8.98
CA LYS A 146 -2.13 -29.77 8.56
C LYS A 146 -2.25 -29.58 7.05
N TRP A 147 -1.53 -28.60 6.52
CA TRP A 147 -1.57 -28.33 5.09
C TRP A 147 -0.89 -29.42 4.26
N GLU A 148 0.16 -30.02 4.81
CA GLU A 148 0.81 -31.16 4.16
C GLU A 148 -0.15 -32.34 4.11
N ALA A 149 -0.83 -32.59 5.22
CA ALA A 149 -1.74 -33.73 5.30
C ALA A 149 -2.88 -33.61 4.30
N ALA A 150 -3.36 -32.39 4.09
CA ALA A 150 -4.49 -32.17 3.19
C ALA A 150 -4.05 -31.79 1.77
N ARG A 151 -2.76 -31.88 1.48
CA ARG A 151 -2.26 -31.51 0.16
C ARG A 151 -2.79 -30.15 -0.29
N VAL A 152 -2.65 -29.19 0.61
CA VAL A 152 -3.09 -27.82 0.36
C VAL A 152 -2.21 -27.11 -0.67
N ALA A 153 -0.91 -27.35 -0.65
CA ALA A 153 -0.05 -26.70 -1.61
C ALA A 153 -0.50 -26.98 -3.05
N GLU A 154 -0.94 -28.20 -3.33
N GLU A 154 -0.94 -28.21 -3.30
CA GLU A 154 -1.39 -28.51 -4.69
CA GLU A 154 -1.41 -28.60 -4.62
C GLU A 154 -2.62 -27.72 -5.08
C GLU A 154 -2.61 -27.76 -5.06
N GLN A 155 -3.49 -27.48 -4.12
CA GLN A 155 -4.67 -26.65 -4.37
C GLN A 155 -4.26 -25.20 -4.63
N ASP A 156 -3.35 -24.69 -3.81
CA ASP A 156 -2.84 -23.33 -4.01
C ASP A 156 -2.13 -23.21 -5.35
N ARG A 157 -1.30 -24.20 -5.69
CA ARG A 157 -0.61 -24.19 -6.98
C ARG A 157 -1.59 -24.14 -8.14
N ALA A 158 -2.65 -24.94 -8.07
CA ALA A 158 -3.67 -24.95 -9.13
C ALA A 158 -4.31 -23.58 -9.30
N TYR A 159 -4.62 -22.91 -8.19
CA TYR A 159 -5.13 -21.55 -8.27
C TYR A 159 -4.10 -20.59 -8.85
N LEU A 160 -2.87 -20.67 -8.37
CA LEU A 160 -1.86 -19.69 -8.74
C LEU A 160 -1.44 -19.82 -10.21
N GLU A 161 -1.33 -21.05 -10.71
CA GLU A 161 -0.90 -21.27 -12.09
C GLU A 161 -2.05 -21.21 -13.06
N GLY A 162 -3.26 -21.43 -12.56
CA GLY A 162 -4.44 -21.51 -13.40
C GLY A 162 -5.27 -20.25 -13.25
N THR A 163 -6.22 -20.31 -12.32
N THR A 163 -6.23 -20.29 -12.32
CA THR A 163 -7.16 -19.24 -12.08
CA THR A 163 -7.19 -19.20 -12.19
C THR A 163 -6.53 -17.87 -12.03
C THR A 163 -6.57 -17.81 -11.98
N CYS A 164 -5.48 -17.73 -11.23
CA CYS A 164 -4.85 -16.43 -11.02
C CYS A 164 -4.32 -15.81 -12.32
N VAL A 165 -3.56 -16.60 -13.07
N VAL A 165 -3.49 -16.55 -13.05
CA VAL A 165 -3.00 -16.17 -14.34
CA VAL A 165 -2.91 -16.01 -14.27
C VAL A 165 -4.08 -15.89 -15.36
C VAL A 165 -3.98 -15.82 -15.33
N GLU A 166 -5.09 -16.75 -15.44
N GLU A 166 -4.93 -16.73 -15.36
CA GLU A 166 -6.13 -16.60 -16.45
CA GLU A 166 -6.05 -16.65 -16.30
C GLU A 166 -7.00 -15.37 -16.21
C GLU A 166 -6.75 -15.30 -16.14
N TRP A 167 -7.28 -15.08 -14.95
CA TRP A 167 -8.07 -13.90 -14.66
C TRP A 167 -7.24 -12.63 -14.73
N LEU A 168 -5.98 -12.69 -14.32
CA LEU A 168 -5.13 -11.50 -14.47
C LEU A 168 -5.04 -11.12 -15.95
N ARG A 169 -4.82 -12.11 -16.83
CA ARG A 169 -4.76 -11.84 -18.25
C ARG A 169 -6.06 -11.22 -18.75
N ARG A 170 -7.18 -11.73 -18.27
N ARG A 170 -7.18 -11.75 -18.30
CA ARG A 170 -8.50 -11.23 -18.65
CA ARG A 170 -8.48 -11.20 -18.69
C ARG A 170 -8.75 -9.80 -18.20
C ARG A 170 -8.62 -9.75 -18.25
N TYR A 171 -8.35 -9.48 -16.97
CA TYR A 171 -8.48 -8.12 -16.46
C TYR A 171 -7.60 -7.17 -17.27
N LEU A 172 -6.39 -7.60 -17.57
CA LEU A 172 -5.45 -6.75 -18.31
C LEU A 172 -5.99 -6.38 -19.69
N GLU A 173 -6.59 -7.36 -20.36
N GLU A 173 -6.64 -7.34 -20.35
CA GLU A 173 -7.21 -7.13 -21.65
CA GLU A 173 -7.18 -7.10 -21.69
C GLU A 173 -8.34 -6.14 -21.52
C GLU A 173 -8.47 -6.28 -21.67
N ASN A 174 -9.28 -6.45 -20.63
CA ASN A 174 -10.48 -5.63 -20.47
C ASN A 174 -10.21 -4.23 -19.96
N GLY A 175 -9.12 -4.08 -19.21
CA GLY A 175 -8.77 -2.79 -18.64
C GLY A 175 -7.53 -2.20 -19.26
N LYS A 176 -7.22 -2.61 -20.50
CA LYS A 176 -5.96 -2.24 -21.14
C LYS A 176 -5.67 -0.73 -21.17
N ASP A 177 -6.71 0.08 -21.36
CA ASP A 177 -6.54 1.53 -21.45
C ASP A 177 -5.96 2.14 -20.18
N THR A 178 -6.18 1.48 -19.05
CA THR A 178 -5.64 1.98 -17.79
C THR A 178 -4.57 1.07 -17.24
N LEU A 179 -4.87 -0.22 -17.14
CA LEU A 179 -3.94 -1.13 -16.48
C LEU A 179 -2.62 -1.28 -17.22
N GLU A 180 -2.67 -1.13 -18.55
N GLU A 180 -2.68 -1.13 -18.54
CA GLU A 180 -1.46 -1.28 -19.36
CA GLU A 180 -1.49 -1.29 -19.38
C GLU A 180 -0.98 0.07 -19.88
C GLU A 180 -0.83 0.04 -19.72
N ARG A 181 -1.38 1.14 -19.20
CA ARG A 181 -0.86 2.45 -19.49
C ARG A 181 0.01 2.92 -18.33
N ALA A 182 1.27 3.20 -18.61
CA ALA A 182 2.16 3.80 -17.62
C ALA A 182 2.18 5.30 -17.84
N ASP A 183 1.86 6.04 -16.79
CA ASP A 183 1.89 7.50 -16.84
C ASP A 183 3.20 7.98 -16.24
N PRO A 184 3.99 8.73 -17.02
CA PRO A 184 5.30 9.16 -16.50
C PRO A 184 5.18 10.23 -15.44
N PRO A 185 6.22 10.36 -14.60
CA PRO A 185 6.21 11.43 -13.60
C PRO A 185 6.39 12.79 -14.25
N LYS A 186 5.69 13.78 -13.72
CA LYS A 186 5.96 15.18 -14.01
C LYS A 186 6.96 15.61 -12.96
N THR A 187 8.08 16.18 -13.40
CA THR A 187 9.19 16.41 -12.49
C THR A 187 9.61 17.87 -12.43
N HIS A 188 10.09 18.29 -11.27
CA HIS A 188 10.70 19.60 -11.12
C HIS A 188 11.56 19.63 -9.87
N VAL A 189 12.44 20.62 -9.78
CA VAL A 189 13.32 20.77 -8.64
C VAL A 189 13.03 22.10 -7.97
N THR A 190 12.85 22.06 -6.65
CA THR A 190 12.65 23.28 -5.89
C THR A 190 13.83 23.53 -4.95
N HIS A 191 13.94 24.77 -4.48
CA HIS A 191 15.08 25.24 -3.71
C HIS A 191 14.55 25.92 -2.47
N HIS A 192 15.05 25.51 -1.31
N HIS A 192 15.01 25.48 -1.30
CA HIS A 192 14.55 25.97 -0.02
CA HIS A 192 14.53 26.04 -0.05
C HIS A 192 15.70 26.33 0.93
C HIS A 192 15.70 26.34 0.89
N PRO A 193 16.09 27.61 0.96
CA PRO A 193 17.12 28.06 1.89
C PRO A 193 16.84 27.61 3.32
N ILE A 194 17.88 27.13 4.00
N ILE A 194 17.88 27.16 4.02
CA ILE A 194 17.81 26.73 5.39
CA ILE A 194 17.74 26.78 5.42
C ILE A 194 18.44 27.84 6.23
C ILE A 194 18.59 27.68 6.31
N SER A 195 19.51 28.40 5.69
CA SER A 195 20.32 29.41 6.36
C SER A 195 21.09 30.15 5.26
N ASP A 196 21.94 31.09 5.64
CA ASP A 196 22.79 31.76 4.65
C ASP A 196 23.70 30.74 4.00
N HIS A 197 23.91 29.62 4.70
CA HIS A 197 25.00 28.69 4.39
C HIS A 197 24.60 27.47 3.56
N GLU A 198 23.33 27.13 3.57
N GLU A 198 23.32 27.12 3.59
CA GLU A 198 22.89 25.92 2.87
CA GLU A 198 22.85 25.92 2.93
C GLU A 198 21.40 25.94 2.57
C GLU A 198 21.43 26.08 2.44
N ALA A 199 21.01 25.14 1.59
CA ALA A 199 19.63 25.07 1.14
C ALA A 199 19.26 23.63 0.81
N THR A 200 17.97 23.34 0.83
CA THR A 200 17.47 22.05 0.42
C THR A 200 17.12 22.10 -1.05
N LEU A 201 17.61 21.13 -1.81
CA LEU A 201 17.12 20.90 -3.16
C LEU A 201 16.16 19.73 -3.07
N ARG A 202 14.93 19.92 -3.57
CA ARG A 202 13.93 18.86 -3.54
C ARG A 202 13.51 18.54 -4.95
N CYS A 203 13.68 17.27 -5.31
CA CYS A 203 13.31 16.77 -6.62
C CYS A 203 11.97 16.06 -6.51
N TRP A 204 11.02 16.55 -7.28
CA TRP A 204 9.64 16.07 -7.24
C TRP A 204 9.29 15.20 -8.43
N ALA A 205 8.55 14.14 -8.15
CA ALA A 205 7.88 13.33 -9.17
C ALA A 205 6.39 13.27 -8.84
N LEU A 206 5.55 13.68 -9.79
CA LEU A 206 4.12 13.75 -9.56
C LEU A 206 3.37 13.08 -10.70
N GLY A 207 2.19 12.54 -10.40
CA GLY A 207 1.27 12.10 -11.43
C GLY A 207 1.67 10.82 -12.14
N PHE A 208 2.50 9.99 -11.52
CA PHE A 208 2.97 8.77 -12.18
C PHE A 208 2.18 7.52 -11.79
N TYR A 209 2.17 6.54 -12.70
CA TYR A 209 1.54 5.23 -12.48
C TYR A 209 2.30 4.26 -13.37
N PRO A 210 2.70 3.09 -12.87
CA PRO A 210 2.45 2.56 -11.52
C PRO A 210 3.35 3.23 -10.48
N ALA A 211 3.25 2.75 -9.24
CA ALA A 211 3.93 3.41 -8.13
C ALA A 211 5.45 3.26 -8.15
N GLU A 212 5.94 2.15 -8.70
CA GLU A 212 7.38 1.90 -8.75
C GLU A 212 8.11 3.05 -9.45
N ILE A 213 9.14 3.57 -8.79
CA ILE A 213 9.90 4.67 -9.35
C ILE A 213 11.27 4.70 -8.68
N THR A 214 12.27 5.24 -9.38
N THR A 214 12.26 5.26 -9.36
CA THR A 214 13.58 5.45 -8.79
CA THR A 214 13.57 5.44 -8.76
C THR A 214 13.89 6.93 -8.86
C THR A 214 13.97 6.90 -8.87
N LEU A 215 14.19 7.52 -7.71
CA LEU A 215 14.45 8.93 -7.62
C LEU A 215 15.71 9.12 -6.80
N THR A 216 16.75 9.72 -7.38
CA THR A 216 18.03 9.82 -6.68
C THR A 216 18.73 11.14 -6.95
N TRP A 217 19.55 11.56 -6.01
CA TRP A 217 20.42 12.70 -6.18
C TRP A 217 21.87 12.25 -6.33
N GLN A 218 22.57 12.93 -7.23
CA GLN A 218 24.02 12.75 -7.37
C GLN A 218 24.70 14.09 -7.14
N ARG A 219 25.91 14.04 -6.58
N ARG A 219 25.90 14.03 -6.57
CA ARG A 219 26.77 15.20 -6.44
CA ARG A 219 26.76 15.20 -6.45
C ARG A 219 28.05 14.91 -7.22
C ARG A 219 28.03 14.88 -7.24
N ASP A 220 28.34 15.71 -8.23
CA ASP A 220 29.49 15.47 -9.10
C ASP A 220 29.43 14.05 -9.67
N GLY A 221 28.21 13.57 -9.92
CA GLY A 221 28.00 12.25 -10.52
C GLY A 221 28.08 11.09 -9.55
N GLU A 222 28.19 11.38 -8.26
CA GLU A 222 28.26 10.33 -7.24
C GLU A 222 26.97 10.25 -6.43
N ASP A 223 26.47 9.03 -6.25
CA ASP A 223 25.25 8.81 -5.48
C ASP A 223 25.32 9.38 -4.06
N GLN A 224 24.24 10.03 -3.64
CA GLN A 224 24.15 10.65 -2.32
C GLN A 224 23.13 9.94 -1.44
N THR A 225 23.14 8.60 -1.49
CA THR A 225 22.16 7.80 -0.76
C THR A 225 22.07 8.20 0.71
N GLN A 226 23.21 8.29 1.38
CA GLN A 226 23.22 8.55 2.81
C GLN A 226 22.73 9.95 3.16
N ASP A 227 22.92 10.90 2.25
CA ASP A 227 22.55 12.29 2.52
C ASP A 227 21.21 12.68 1.90
N THR A 228 20.52 11.73 1.28
CA THR A 228 19.24 12.03 0.66
C THR A 228 18.06 11.67 1.56
N GLU A 229 17.12 12.59 1.71
CA GLU A 229 15.87 12.27 2.37
C GLU A 229 14.88 11.85 1.31
N LEU A 230 14.40 10.62 1.40
N LEU A 230 14.42 10.62 1.41
CA LEU A 230 13.51 10.06 0.40
CA LEU A 230 13.36 10.12 0.55
C LEU A 230 12.19 9.69 1.06
C LEU A 230 12.06 10.13 1.32
N VAL A 231 11.13 10.45 0.81
N VAL A 231 10.97 10.40 0.63
CA VAL A 231 9.83 10.11 1.40
CA VAL A 231 9.65 10.27 1.21
C VAL A 231 9.25 8.90 0.70
C VAL A 231 9.03 9.04 0.59
N GLU A 232 8.33 8.24 1.40
CA GLU A 232 7.63 7.10 0.85
C GLU A 232 6.71 7.55 -0.27
N THR A 233 6.66 6.74 -1.32
CA THR A 233 5.77 6.99 -2.44
C THR A 233 4.34 7.02 -1.90
N ARG A 234 3.57 8.00 -2.36
CA ARG A 234 2.27 8.29 -1.75
C ARG A 234 1.19 8.46 -2.81
N PRO A 235 -0.02 7.99 -2.53
CA PRO A 235 -1.10 8.09 -3.52
C PRO A 235 -1.70 9.48 -3.60
N ALA A 236 -1.97 9.96 -4.81
CA ALA A 236 -2.60 11.26 -4.98
C ALA A 236 -4.13 11.23 -4.87
N GLY A 237 -4.74 10.07 -5.13
CA GLY A 237 -6.19 9.94 -5.11
C GLY A 237 -6.84 9.94 -6.48
N ASP A 238 -6.04 10.10 -7.53
CA ASP A 238 -6.54 10.07 -8.90
C ASP A 238 -5.94 8.88 -9.66
N ARG A 239 -5.52 7.87 -8.90
CA ARG A 239 -4.81 6.65 -9.35
C ARG A 239 -3.29 6.81 -9.38
N THR A 240 -2.81 8.05 -9.42
CA THR A 240 -1.39 8.29 -9.57
C THR A 240 -0.68 8.43 -8.22
N PHE A 241 0.64 8.49 -8.30
CA PHE A 241 1.49 8.55 -7.13
C PHE A 241 2.42 9.73 -7.18
N GLN A 242 3.01 10.04 -6.02
CA GLN A 242 3.94 11.16 -5.87
C GLN A 242 5.12 10.72 -5.03
N LYS A 243 6.26 11.37 -5.24
CA LYS A 243 7.42 11.11 -4.40
C LYS A 243 8.37 12.29 -4.50
N TRP A 244 9.14 12.53 -3.47
CA TRP A 244 10.26 13.47 -3.61
C TRP A 244 11.51 12.99 -2.89
N ALA A 245 12.63 13.55 -3.31
CA ALA A 245 13.93 13.25 -2.74
C ALA A 245 14.61 14.59 -2.48
N ALA A 246 15.22 14.76 -1.32
CA ALA A 246 15.83 16.04 -0.98
C ALA A 246 17.26 15.88 -0.48
N VAL A 247 18.10 16.85 -0.85
N VAL A 247 18.10 16.86 -0.81
CA VAL A 247 19.47 16.91 -0.35
CA VAL A 247 19.46 16.89 -0.30
C VAL A 247 19.72 18.32 0.19
C VAL A 247 19.83 18.31 0.12
N VAL A 248 20.60 18.43 1.20
CA VAL A 248 21.03 19.73 1.71
C VAL A 248 22.36 20.08 1.07
N VAL A 249 22.42 21.21 0.41
N VAL A 249 22.40 21.27 0.46
CA VAL A 249 23.63 21.56 -0.30
CA VAL A 249 23.48 21.70 -0.44
C VAL A 249 24.15 22.90 0.18
C VAL A 249 24.10 23.03 -0.01
N PRO A 250 25.45 23.12 0.01
CA PRO A 250 26.08 24.38 0.38
C PRO A 250 25.66 25.47 -0.59
N SER A 251 25.43 26.67 -0.08
CA SER A 251 25.08 27.81 -0.93
C SER A 251 26.04 27.96 -2.08
N GLY A 252 25.48 28.11 -3.28
CA GLY A 252 26.29 28.36 -4.45
C GLY A 252 26.76 27.11 -5.16
N GLU A 253 26.54 25.94 -4.56
CA GLU A 253 27.04 24.69 -5.14
C GLU A 253 25.93 23.88 -5.84
N GLU A 254 24.80 24.51 -6.07
CA GLU A 254 23.62 23.77 -6.54
C GLU A 254 23.82 23.06 -7.87
N GLN A 255 24.64 23.60 -8.76
CA GLN A 255 24.75 23.01 -10.09
C GLN A 255 25.59 21.73 -10.08
N ARG A 256 26.19 21.41 -8.94
CA ARG A 256 26.92 20.17 -8.84
C ARG A 256 25.98 18.99 -8.61
N TYR A 257 24.70 19.29 -8.34
CA TYR A 257 23.74 18.25 -7.98
C TYR A 257 22.79 17.97 -9.13
N THR A 258 22.55 16.69 -9.37
CA THR A 258 21.61 16.29 -10.40
C THR A 258 20.63 15.28 -9.82
N CYS A 259 19.38 15.44 -10.19
CA CYS A 259 18.35 14.50 -9.82
C CYS A 259 18.09 13.54 -10.97
N HIS A 260 17.97 12.26 -10.64
CA HIS A 260 17.80 11.26 -11.67
C HIS A 260 16.50 10.50 -11.44
N VAL A 261 15.75 10.32 -12.51
CA VAL A 261 14.41 9.75 -12.41
C VAL A 261 14.23 8.63 -13.42
N GLN A 262 13.90 7.45 -12.92
N GLN A 262 13.90 7.44 -12.93
CA GLN A 262 13.52 6.35 -13.80
CA GLN A 262 13.52 6.37 -13.85
C GLN A 262 12.10 5.88 -13.49
C GLN A 262 12.16 5.77 -13.51
N HIS A 263 11.35 5.59 -14.55
CA HIS A 263 9.97 5.16 -14.42
C HIS A 263 9.53 4.56 -15.75
N GLU A 264 8.62 3.58 -15.66
N GLU A 264 8.64 3.57 -15.68
CA GLU A 264 8.13 2.85 -16.83
CA GLU A 264 8.16 2.87 -16.88
C GLU A 264 7.47 3.74 -17.90
C GLU A 264 7.54 3.79 -17.93
N GLY A 265 6.91 4.87 -17.49
CA GLY A 265 6.20 5.76 -18.41
C GLY A 265 7.06 6.75 -19.18
N LEU A 266 8.33 6.84 -18.79
CA LEU A 266 9.28 7.71 -19.48
C LEU A 266 9.88 7.01 -20.69
N PRO A 267 9.95 7.72 -21.83
CA PRO A 267 10.65 7.16 -22.99
C PRO A 267 12.12 6.95 -22.65
N LYS A 268 12.66 7.84 -21.82
CA LYS A 268 14.01 7.67 -21.31
C LYS A 268 14.18 8.37 -19.96
N PRO A 269 15.12 7.88 -19.14
CA PRO A 269 15.36 8.43 -17.80
C PRO A 269 15.68 9.91 -17.84
N LEU A 270 15.28 10.62 -16.79
CA LEU A 270 15.49 12.06 -16.71
C LEU A 270 16.69 12.40 -15.84
N THR A 271 17.34 13.50 -16.21
CA THR A 271 18.35 14.14 -15.37
C THR A 271 17.88 15.57 -15.21
N LEU A 272 17.67 15.99 -13.98
N LEU A 272 17.70 16.01 -13.97
CA LEU A 272 17.23 17.35 -13.71
CA LEU A 272 17.19 17.34 -13.69
C LEU A 272 18.22 18.10 -12.83
C LEU A 272 18.11 18.09 -12.75
N ARG A 273 18.16 19.41 -12.91
CA ARG A 273 18.92 20.26 -12.02
C ARG A 273 18.02 21.41 -11.57
N TRP A 274 18.41 22.07 -10.49
N TRP A 274 18.40 22.05 -10.48
CA TRP A 274 17.81 23.33 -10.08
CA TRP A 274 17.74 23.29 -10.11
C TRP A 274 17.94 24.39 -11.17
C TRP A 274 17.91 24.27 -11.26
N GLU A 275 16.82 24.95 -11.62
CA GLU A 275 16.83 25.97 -12.66
C GLU A 275 16.29 27.27 -12.10
N PRO A 276 17.16 28.11 -11.54
CA PRO A 276 16.76 29.36 -10.89
C PRO A 276 16.30 30.41 -11.90
N ILE B 1 6.86 -5.27 18.47
CA ILE B 1 5.54 -5.85 18.24
C ILE B 1 4.58 -4.80 17.66
N GLN B 2 4.95 -3.52 17.80
CA GLN B 2 4.14 -2.43 17.26
C GLN B 2 5.00 -1.53 16.37
N ARG B 3 4.37 -0.89 15.39
N ARG B 3 4.37 -0.89 15.39
CA ARG B 3 5.07 0.02 14.49
CA ARG B 3 5.06 0.01 14.49
C ARG B 3 4.30 1.33 14.38
C ARG B 3 4.30 1.32 14.42
N THR B 4 5.01 2.44 14.60
CA THR B 4 4.35 3.74 14.63
C THR B 4 4.11 4.27 13.22
N PRO B 5 2.99 4.96 13.02
CA PRO B 5 2.72 5.41 11.65
C PRO B 5 3.65 6.51 11.18
N LYS B 6 3.99 6.43 9.90
CA LYS B 6 4.55 7.56 9.16
C LYS B 6 3.34 8.37 8.67
N ILE B 7 3.52 9.67 8.57
CA ILE B 7 2.44 10.58 8.22
C ILE B 7 2.91 11.57 7.17
N GLN B 8 2.19 11.67 6.07
CA GLN B 8 2.42 12.73 5.08
C GLN B 8 1.13 13.46 4.79
N VAL B 9 1.21 14.78 4.76
N VAL B 9 1.20 14.79 4.76
CA VAL B 9 0.05 15.62 4.45
CA VAL B 9 0.03 15.60 4.44
C VAL B 9 0.37 16.43 3.21
C VAL B 9 0.33 16.48 3.23
N TYR B 10 -0.50 16.36 2.20
CA TYR B 10 -0.17 16.96 0.91
C TYR B 10 -1.41 17.07 0.05
N SER B 11 -1.29 17.79 -1.07
CA SER B 11 -2.41 17.95 -1.97
C SER B 11 -2.34 17.03 -3.17
N ARG B 12 -3.51 16.70 -3.73
CA ARG B 12 -3.58 15.86 -4.92
C ARG B 12 -2.94 16.54 -6.12
N HIS B 13 -3.29 17.81 -6.32
N HIS B 13 -3.29 17.81 -6.30
CA HIS B 13 -2.72 18.59 -7.41
CA HIS B 13 -2.76 18.61 -7.41
C HIS B 13 -1.91 19.75 -6.84
C HIS B 13 -1.89 19.72 -6.83
N PRO B 14 -1.00 20.31 -7.65
CA PRO B 14 -0.18 21.42 -7.17
C PRO B 14 -1.05 22.52 -6.58
N ALA B 15 -0.69 23.02 -5.41
CA ALA B 15 -1.54 23.98 -4.71
C ALA B 15 -1.57 25.32 -5.43
N GLU B 16 -2.79 25.81 -5.67
CA GLU B 16 -2.98 27.14 -6.21
C GLU B 16 -4.07 27.82 -5.39
N ASN B 17 -3.71 28.89 -4.70
CA ASN B 17 -4.68 29.59 -3.86
C ASN B 17 -5.94 29.93 -4.62
N GLY B 18 -7.09 29.59 -4.04
CA GLY B 18 -8.37 29.88 -4.65
C GLY B 18 -8.90 28.79 -5.58
N LYS B 19 -8.11 27.74 -5.77
CA LYS B 19 -8.48 26.67 -6.68
C LYS B 19 -8.79 25.36 -5.95
N SER B 20 -9.96 24.79 -6.21
CA SER B 20 -10.39 23.55 -5.56
C SER B 20 -9.39 22.42 -5.81
N ASN B 21 -9.15 21.62 -4.78
CA ASN B 21 -8.09 20.62 -4.80
C ASN B 21 -8.54 19.51 -3.86
N PHE B 22 -7.64 18.58 -3.55
CA PHE B 22 -7.91 17.58 -2.52
C PHE B 22 -6.78 17.55 -1.53
N LEU B 23 -7.12 17.53 -0.25
CA LEU B 23 -6.17 17.45 0.83
C LEU B 23 -6.05 15.99 1.28
N ASN B 24 -4.83 15.49 1.28
CA ASN B 24 -4.54 14.10 1.61
C ASN B 24 -3.74 13.97 2.90
N CYS B 25 -4.09 12.97 3.71
CA CYS B 25 -3.21 12.53 4.77
C CYS B 25 -2.99 11.05 4.60
N TYR B 26 -1.75 10.68 4.32
CA TYR B 26 -1.36 9.30 4.08
C TYR B 26 -0.65 8.80 5.32
N VAL B 27 -1.23 7.80 5.97
N VAL B 27 -1.20 7.75 5.93
CA VAL B 27 -0.60 7.17 7.11
CA VAL B 27 -0.64 7.16 7.12
C VAL B 27 -0.17 5.78 6.69
C VAL B 27 -0.23 5.72 6.85
N SER B 28 1.06 5.42 7.02
CA SER B 28 1.60 4.15 6.55
C SER B 28 2.60 3.58 7.53
N GLY B 29 3.02 2.34 7.27
CA GLY B 29 4.05 1.71 8.07
C GLY B 29 3.65 1.34 9.49
N PHE B 30 2.35 1.30 9.78
CA PHE B 30 1.90 1.08 11.15
C PHE B 30 1.39 -0.33 11.43
N HIS B 31 1.45 -0.71 12.71
CA HIS B 31 0.92 -1.99 13.16
C HIS B 31 0.74 -1.87 14.67
N PRO B 32 -0.40 -2.30 15.20
CA PRO B 32 -1.58 -2.89 14.56
C PRO B 32 -2.39 -1.87 13.78
N SER B 33 -3.51 -2.32 13.22
CA SER B 33 -4.24 -1.52 12.24
C SER B 33 -5.13 -0.42 12.81
N ASP B 34 -5.56 -0.55 14.07
N ASP B 34 -5.45 -0.53 14.11
CA ASP B 34 -6.46 0.47 14.59
CA ASP B 34 -6.26 0.47 14.80
C ASP B 34 -5.74 1.81 14.70
C ASP B 34 -5.61 1.84 14.62
N ILE B 35 -6.37 2.83 14.15
CA ILE B 35 -5.78 4.16 14.00
C ILE B 35 -6.91 5.18 13.88
N GLU B 36 -6.63 6.41 14.29
CA GLU B 36 -7.62 7.49 14.21
C GLU B 36 -6.97 8.66 13.50
N VAL B 37 -7.61 9.13 12.44
CA VAL B 37 -7.06 10.21 11.64
C VAL B 37 -8.11 11.28 11.43
N ASP B 38 -7.74 12.53 11.71
CA ASP B 38 -8.59 13.69 11.43
C ASP B 38 -7.88 14.63 10.50
N LEU B 39 -8.61 15.27 9.61
CA LEU B 39 -8.05 16.41 8.87
C LEU B 39 -8.55 17.67 9.55
N LEU B 40 -7.67 18.65 9.73
CA LEU B 40 -8.04 19.88 10.43
C LEU B 40 -7.98 21.10 9.51
N LYS B 41 -8.96 21.98 9.67
CA LYS B 41 -8.94 23.29 9.04
C LYS B 41 -8.93 24.35 10.14
N ASN B 42 -7.84 25.11 10.22
CA ASN B 42 -7.65 26.09 11.28
C ASN B 42 -7.90 25.46 12.66
N GLY B 43 -7.39 24.26 12.86
CA GLY B 43 -7.43 23.60 14.15
C GLY B 43 -8.69 22.79 14.42
N GLU B 44 -9.68 22.90 13.55
CA GLU B 44 -10.96 22.21 13.76
C GLU B 44 -11.17 21.06 12.82
N ARG B 45 -11.82 20.00 13.32
CA ARG B 45 -12.01 18.79 12.53
C ARG B 45 -12.91 19.02 11.32
N ILE B 46 -12.41 18.64 10.14
CA ILE B 46 -13.18 18.67 8.93
C ILE B 46 -14.16 17.49 8.89
N GLU B 47 -15.41 17.75 8.57
CA GLU B 47 -16.44 16.71 8.56
C GLU B 47 -16.46 15.90 7.25
N LYS B 48 -16.90 14.66 7.33
CA LYS B 48 -17.16 13.86 6.13
C LYS B 48 -15.91 13.55 5.30
N VAL B 49 -14.76 13.54 5.97
CA VAL B 49 -13.51 13.11 5.36
C VAL B 49 -13.65 11.64 4.97
N GLU B 50 -13.18 11.28 3.77
CA GLU B 50 -13.26 9.90 3.31
C GLU B 50 -11.92 9.22 3.47
N HIS B 51 -11.91 7.90 3.39
CA HIS B 51 -10.65 7.19 3.48
C HIS B 51 -10.68 5.98 2.57
N SER B 52 -9.47 5.51 2.27
CA SER B 52 -9.29 4.31 1.45
C SER B 52 -9.62 3.06 2.26
N ASP B 53 -9.57 1.91 1.59
CA ASP B 53 -9.82 0.62 2.24
C ASP B 53 -8.53 0.07 2.83
N LEU B 54 -8.60 -0.42 4.07
CA LEU B 54 -7.42 -0.93 4.76
C LEU B 54 -6.65 -1.93 3.92
N SER B 55 -5.38 -1.64 3.71
CA SER B 55 -4.47 -2.50 2.99
C SER B 55 -3.11 -2.40 3.67
N PHE B 56 -2.12 -3.08 3.12
CA PHE B 56 -0.81 -3.07 3.70
C PHE B 56 0.25 -3.36 2.66
N SER B 57 1.48 -3.06 3.03
N SER B 57 1.48 -3.02 3.00
CA SER B 57 2.63 -3.26 2.18
CA SER B 57 2.61 -3.27 2.10
C SER B 57 3.18 -4.67 2.36
C SER B 57 3.21 -4.64 2.38
N LYS B 58 4.16 -5.04 1.55
CA LYS B 58 4.64 -6.41 1.62
C LYS B 58 5.40 -6.73 2.92
N ASP B 59 5.80 -5.71 3.67
CA ASP B 59 6.34 -5.94 5.01
C ASP B 59 5.25 -6.03 6.10
N TRP B 60 4.01 -6.10 5.66
CA TRP B 60 2.82 -6.29 6.51
C TRP B 60 2.32 -5.02 7.21
N SER B 61 3.02 -3.90 7.04
N SER B 61 3.03 -3.91 7.02
CA SER B 61 2.59 -2.68 7.71
CA SER B 61 2.63 -2.63 7.60
C SER B 61 1.44 -2.01 6.96
C SER B 61 1.38 -2.09 6.93
N PHE B 62 0.46 -1.54 7.73
CA PHE B 62 -0.77 -0.99 7.17
C PHE B 62 -0.59 0.40 6.59
N TYR B 63 -1.46 0.75 5.65
CA TYR B 63 -1.57 2.11 5.17
C TYR B 63 -3.01 2.50 4.87
N LEU B 64 -3.34 3.77 5.09
CA LEU B 64 -4.62 4.36 4.75
C LEU B 64 -4.39 5.77 4.21
N LEU B 65 -5.25 6.15 3.28
CA LEU B 65 -5.31 7.52 2.79
C LEU B 65 -6.62 8.15 3.25
N TYR B 66 -6.52 9.29 3.92
CA TYR B 66 -7.68 10.10 4.28
C TYR B 66 -7.69 11.34 3.41
N TYR B 67 -8.85 11.75 2.94
CA TYR B 67 -8.89 12.82 1.96
C TYR B 67 -10.19 13.58 1.96
N THR B 68 -10.09 14.84 1.53
CA THR B 68 -11.25 15.71 1.45
C THR B 68 -10.98 16.82 0.43
N GLU B 69 -12.04 17.32 -0.18
CA GLU B 69 -11.91 18.49 -1.03
C GLU B 69 -11.49 19.70 -0.19
N PHE B 70 -10.65 20.55 -0.75
CA PHE B 70 -10.35 21.83 -0.10
C PHE B 70 -9.89 22.86 -1.11
N THR B 71 -10.10 24.13 -0.77
CA THR B 71 -9.62 25.21 -1.61
C THR B 71 -8.59 26.02 -0.83
N PRO B 72 -7.30 25.79 -1.11
CA PRO B 72 -6.21 26.43 -0.39
C PRO B 72 -6.30 27.96 -0.46
N THR B 73 -5.83 28.62 0.58
CA THR B 73 -5.72 30.08 0.60
C THR B 73 -4.42 30.44 1.31
N GLU B 74 -4.10 31.73 1.35
CA GLU B 74 -2.92 32.18 2.07
C GLU B 74 -3.10 31.98 3.57
N LYS B 75 -4.30 32.30 4.07
CA LYS B 75 -4.53 32.37 5.51
C LYS B 75 -4.89 31.03 6.16
N ASP B 76 -5.65 30.20 5.47
CA ASP B 76 -6.13 28.94 6.05
C ASP B 76 -5.00 27.94 6.31
N GLU B 77 -5.00 27.38 7.50
CA GLU B 77 -4.01 26.37 7.87
C GLU B 77 -4.69 25.00 7.90
N TYR B 78 -4.05 24.02 7.29
CA TYR B 78 -4.55 22.66 7.31
C TYR B 78 -3.57 21.74 7.99
N ALA B 79 -4.10 20.66 8.56
CA ALA B 79 -3.22 19.70 9.21
C ALA B 79 -3.90 18.35 9.29
N CYS B 80 -3.12 17.35 9.69
CA CYS B 80 -3.64 16.02 9.91
C CYS B 80 -3.28 15.60 11.34
N ARG B 81 -4.25 15.03 12.05
CA ARG B 81 -4.04 14.63 13.43
C ARG B 81 -4.23 13.12 13.53
N VAL B 82 -3.22 12.43 14.02
CA VAL B 82 -3.21 10.97 14.04
C VAL B 82 -3.05 10.43 15.45
N ASN B 83 -3.88 9.45 15.81
CA ASN B 83 -3.66 8.68 17.04
C ASN B 83 -3.53 7.19 16.75
N HIS B 84 -2.66 6.54 17.52
CA HIS B 84 -2.33 5.14 17.33
C HIS B 84 -1.79 4.66 18.68
N VAL B 85 -1.82 3.35 18.92
CA VAL B 85 -1.43 2.84 20.22
C VAL B 85 0.02 3.19 20.57
N THR B 86 0.84 3.36 19.54
CA THR B 86 2.26 3.67 19.74
C THR B 86 2.49 5.13 20.14
N LEU B 87 1.44 5.95 20.10
CA LEU B 87 1.58 7.37 20.41
C LEU B 87 0.93 7.73 21.74
N SER B 88 1.69 8.38 22.62
N SER B 88 1.70 8.36 22.62
CA SER B 88 1.16 8.77 23.93
CA SER B 88 1.19 8.79 23.93
C SER B 88 0.14 9.90 23.81
C SER B 88 0.08 9.82 23.74
N GLN B 89 0.26 10.70 22.76
CA GLN B 89 -0.72 11.74 22.47
C GLN B 89 -0.86 11.88 20.95
N PRO B 90 -1.95 12.51 20.50
CA PRO B 90 -2.13 12.67 19.06
C PRO B 90 -0.99 13.44 18.42
N LYS B 91 -0.53 12.96 17.26
N LYS B 91 -0.54 12.98 17.25
CA LYS B 91 0.49 13.65 16.50
CA LYS B 91 0.51 13.64 16.50
C LYS B 91 -0.18 14.53 15.45
C LYS B 91 -0.10 14.51 15.40
N ILE B 92 0.26 15.78 15.36
CA ILE B 92 -0.28 16.71 14.38
C ILE B 92 0.80 17.10 13.38
N VAL B 93 0.51 16.90 12.10
CA VAL B 93 1.42 17.30 11.05
C VAL B 93 0.73 18.35 10.21
N LYS B 94 1.38 19.50 10.04
CA LYS B 94 0.80 20.60 9.29
C LYS B 94 0.99 20.40 7.80
N TRP B 95 0.02 20.86 7.02
CA TRP B 95 0.18 20.90 5.58
C TRP B 95 1.14 22.01 5.22
N ASP B 96 2.19 21.65 4.50
CA ASP B 96 3.17 22.60 4.01
C ASP B 96 3.25 22.38 2.50
N ARG B 97 2.92 23.43 1.73
CA ARG B 97 2.90 23.37 0.27
C ARG B 97 4.18 22.82 -0.33
N ASP B 98 5.28 22.99 0.37
CA ASP B 98 6.58 22.61 -0.17
C ASP B 98 6.95 21.16 0.13
N MET B 99 6.01 20.41 0.70
CA MET B 99 6.27 19.01 1.06
CA MET B 99 6.24 19.00 1.02
C MET B 99 5.08 18.13 0.56
N ARG C 1 -9.77 -12.51 -9.31
CA ARG C 1 -10.64 -13.59 -8.84
C ARG C 1 -10.06 -14.15 -7.55
N ALA C 2 -10.86 -14.16 -6.48
CA ALA C 2 -10.37 -14.54 -5.16
C ALA C 2 -10.06 -16.03 -5.01
N LYS C 3 -9.29 -16.36 -3.98
CA LYS C 3 -8.91 -17.74 -3.71
C LYS C 3 -9.58 -18.22 -2.44
N PHE C 4 -10.10 -19.45 -2.44
CA PHE C 4 -10.53 -20.06 -1.20
C PHE C 4 -9.32 -20.24 -0.28
N LYS C 5 -9.43 -19.72 0.93
N LYS C 5 -9.41 -19.71 0.92
CA LYS C 5 -8.36 -19.84 1.90
CA LYS C 5 -8.32 -19.84 1.88
C LYS C 5 -8.55 -21.09 2.74
C LYS C 5 -8.55 -21.02 2.83
N GLN C 6 -7.45 -21.59 3.29
CA GLN C 6 -7.46 -22.81 4.09
C GLN C 6 -7.30 -22.50 5.56
N LEU C 7 -7.89 -23.33 6.40
N LEU C 7 -7.89 -23.33 6.40
CA LEU C 7 -7.81 -23.17 7.85
CA LEU C 7 -7.80 -23.18 7.85
C LEU C 7 -6.39 -23.37 8.37
C LEU C 7 -6.37 -23.35 8.34
N LEU C 8 -5.89 -22.41 9.14
CA LEU C 8 -4.58 -22.51 9.76
C LEU C 8 -4.59 -23.47 10.95
#